data_8DE9
#
_entry.id   8DE9
#
_cell.length_a   1.00
_cell.length_b   1.00
_cell.length_c   1.00
_cell.angle_alpha   90.00
_cell.angle_beta   90.00
_cell.angle_gamma   90.00
#
_symmetry.space_group_name_H-M   'P 1'
#
loop_
_entity.id
_entity.type
_entity.pdbx_description
1 polymer 'Potassium channel, subfamily K, member 2a'
2 non-polymer '(1S)-2-{[(2-AMINOETHOXY)(HYDROXY)PHOSPHORYL]OXY}-1-[(PALMITOYLOXY)METHYL]ETHYL STEARATE'
3 non-polymer 'POTASSIUM ION'
#
_entity_poly.entity_id   1
_entity_poly.type   'polypeptide(L)'
_entity_poly.pdbx_seq_one_letter_code
;MAAPDLLDPKSATHNTKPRLSFSSKPIVYNSGDDCESITTVMKWKTVLAIFLLVVLYLIIGATVFKALEQPEEGLQKYRI
IQEKIDFLSMHTCVQTSELEDLVKQVVLAIRAGVNPSGHPSQESSMWDLSSSFFFAGTVITTIGFGNVSPHTEGGRIFCI
IYALLGIPLFGFLLAGVGDQLGTIFGKGIAKVEKMFVKWNVSQTKIRVTSTVLFILFGCLLFVALPALIFQHIEGWSALE
SIYFVVITLTTIGFGDFVAGGSEIEYLDYYKPIVWFWILVGLAYFAAVLSMIGDWLRVISKKTKEEVGEFRAHAAEWTAN
V
;
_entity_poly.pdbx_strand_id   A,B
#
# COMPACT_ATOMS: atom_id res chain seq x y z
N THR A 40 5.16 20.32 -23.31
CA THR A 40 5.91 20.81 -22.15
C THR A 40 6.96 19.74 -21.79
N VAL A 41 7.81 19.42 -22.77
CA VAL A 41 8.85 18.43 -22.55
C VAL A 41 9.84 18.95 -21.51
N MET A 42 10.31 18.05 -20.66
CA MET A 42 11.25 18.44 -19.60
C MET A 42 12.68 18.27 -20.12
N LYS A 43 13.62 18.97 -19.50
CA LYS A 43 15.02 18.88 -19.88
C LYS A 43 15.68 17.64 -19.30
N TRP A 44 16.60 17.05 -20.08
CA TRP A 44 17.33 15.87 -19.62
C TRP A 44 18.19 16.19 -18.40
N LYS A 45 18.87 17.35 -18.43
CA LYS A 45 19.76 17.75 -17.33
C LYS A 45 19.01 17.89 -16.01
N THR A 46 17.84 18.53 -16.02
CA THR A 46 17.08 18.69 -14.79
C THR A 46 16.46 17.39 -14.30
N VAL A 47 16.20 16.44 -15.21
CA VAL A 47 15.74 15.13 -14.76
C VAL A 47 16.82 14.45 -13.94
N LEU A 48 18.08 14.52 -14.40
CA LEU A 48 19.19 13.96 -13.64
C LEU A 48 19.31 14.62 -12.27
N ALA A 49 19.19 15.95 -12.21
CA ALA A 49 19.26 16.66 -10.95
C ALA A 49 18.12 16.26 -10.02
N ILE A 50 16.91 16.13 -10.55
CA ILE A 50 15.77 15.71 -9.75
C ILE A 50 15.98 14.31 -9.19
N PHE A 51 16.54 13.41 -10.01
CA PHE A 51 16.80 12.05 -9.55
C PHE A 51 17.88 12.03 -8.47
N LEU A 52 18.92 12.85 -8.63
CA LEU A 52 19.94 12.96 -7.59
C LEU A 52 19.36 13.51 -6.30
N LEU A 53 18.47 14.50 -6.41
CA LEU A 53 17.81 15.04 -5.23
C LEU A 53 16.96 13.99 -4.52
N VAL A 54 16.23 13.18 -5.29
CA VAL A 54 15.42 12.11 -4.70
C VAL A 54 16.31 11.09 -4.01
N VAL A 55 17.42 10.71 -4.63
CA VAL A 55 18.32 9.75 -4.00
C VAL A 55 18.94 10.34 -2.73
N LEU A 56 19.33 11.61 -2.78
CA LEU A 56 19.86 12.30 -1.60
C LEU A 56 18.85 12.29 -0.45
N TYR A 57 17.60 12.66 -0.74
CA TYR A 57 16.55 12.65 0.28
C TYR A 57 16.32 11.24 0.83
N LEU A 58 16.40 10.22 -0.03
CA LEU A 58 16.27 8.85 0.43
C LEU A 58 17.40 8.46 1.37
N ILE A 59 18.63 8.85 1.04
CA ILE A 59 19.77 8.55 1.91
C ILE A 59 19.62 9.24 3.26
N ILE A 60 19.21 10.51 3.24
CA ILE A 60 19.01 11.25 4.49
C ILE A 60 17.97 10.56 5.35
N GLY A 61 16.83 10.20 4.74
CA GLY A 61 15.77 9.54 5.48
C GLY A 61 16.21 8.20 6.06
N ALA A 62 16.96 7.42 5.27
CA ALA A 62 17.43 6.12 5.77
C ALA A 62 18.40 6.29 6.94
N THR A 63 19.32 7.26 6.84
CA THR A 63 20.29 7.48 7.91
C THR A 63 19.61 7.90 9.20
N VAL A 64 18.59 8.75 9.11
CA VAL A 64 17.95 9.17 10.35
C VAL A 64 16.95 8.12 10.87
N PHE A 65 16.34 7.32 9.97
CA PHE A 65 15.44 6.27 10.44
C PHE A 65 16.21 5.19 11.18
N LYS A 66 17.41 4.85 10.70
CA LYS A 66 18.20 3.81 11.35
C LYS A 66 18.51 4.18 12.79
N ALA A 67 18.90 5.43 13.01
CA ALA A 67 19.24 5.91 14.34
C ALA A 67 18.01 6.05 15.23
N LEU A 68 16.87 6.43 14.65
CA LEU A 68 15.66 6.49 15.48
C LEU A 68 15.16 5.11 15.87
N GLU A 69 15.31 4.11 15.00
CA GLU A 69 14.55 2.89 15.12
C GLU A 69 15.31 1.66 15.60
N GLN A 70 16.65 1.66 15.58
CA GLN A 70 17.30 0.46 16.10
C GLN A 70 17.19 0.19 17.62
N PRO A 71 17.25 1.19 18.51
CA PRO A 71 17.19 0.86 19.95
C PRO A 71 15.89 0.18 20.38
N GLU A 72 14.76 0.60 19.81
CA GLU A 72 13.47 0.02 20.18
C GLU A 72 13.42 -1.48 19.87
N GLU A 73 13.86 -1.86 18.66
CA GLU A 73 13.85 -3.28 18.34
C GLU A 73 14.95 -4.04 19.05
N GLY A 74 16.04 -3.37 19.43
CA GLY A 74 17.04 -4.02 20.26
C GLY A 74 16.47 -4.42 21.60
N LEU A 75 15.75 -3.49 22.22
CA LEU A 75 15.06 -3.79 23.48
C LEU A 75 14.00 -4.87 23.30
N GLN A 76 13.30 -4.86 22.16
CA GLN A 76 12.30 -5.90 21.92
C GLN A 76 12.93 -7.29 21.84
N LYS A 77 14.04 -7.42 21.09
CA LYS A 77 14.73 -8.70 21.01
C LYS A 77 15.24 -9.16 22.37
N TYR A 78 15.83 -8.23 23.15
CA TYR A 78 16.31 -8.62 24.47
C TYR A 78 15.16 -9.06 25.37
N ARG A 79 14.04 -8.33 25.33
CA ARG A 79 12.88 -8.65 26.14
C ARG A 79 12.33 -10.04 25.83
N ILE A 80 12.21 -10.39 24.53
CA ILE A 80 11.70 -11.72 24.23
C ILE A 80 12.73 -12.81 24.44
N ILE A 81 14.03 -12.50 24.37
CA ILE A 81 15.04 -13.51 24.66
C ILE A 81 15.03 -13.85 26.15
N GLN A 82 15.04 -12.83 27.00
CA GLN A 82 15.02 -13.08 28.43
C GLN A 82 13.71 -13.71 28.86
N GLU A 83 12.59 -13.35 28.22
CA GLU A 83 11.32 -13.99 28.59
C GLU A 83 11.33 -15.47 28.21
N LYS A 84 11.85 -15.81 27.03
CA LYS A 84 11.90 -17.21 26.63
C LYS A 84 12.82 -18.01 27.56
N ILE A 85 13.98 -17.43 27.92
CA ILE A 85 14.89 -18.10 28.84
C ILE A 85 14.23 -18.31 30.19
N ASP A 86 13.49 -17.30 30.68
CA ASP A 86 12.80 -17.43 31.95
C ASP A 86 11.74 -18.52 31.89
N PHE A 87 11.01 -18.58 30.77
CA PHE A 87 9.98 -19.60 30.60
C PHE A 87 10.57 -21.00 30.65
N LEU A 88 11.67 -21.19 29.90
CA LEU A 88 12.33 -22.49 29.89
C LEU A 88 12.88 -22.85 31.26
N SER A 89 13.43 -21.87 31.98
CA SER A 89 13.92 -22.12 33.34
C SER A 89 12.78 -22.52 34.26
N MET A 90 11.64 -21.83 34.14
CA MET A 90 10.48 -22.14 34.98
C MET A 90 9.95 -23.55 34.70
N HIS A 91 9.90 -23.97 33.44
CA HIS A 91 9.38 -25.30 33.11
C HIS A 91 10.50 -26.23 32.68
N THR A 92 10.91 -27.11 33.59
CA THR A 92 11.95 -28.10 33.32
C THR A 92 11.50 -29.07 32.23
N CYS A 93 10.23 -29.46 32.25
CA CYS A 93 9.69 -30.44 31.33
C CYS A 93 9.78 -29.99 29.88
N VAL A 94 9.49 -28.72 29.61
CA VAL A 94 9.53 -28.21 28.24
C VAL A 94 10.97 -28.24 27.73
N GLN A 95 11.13 -28.56 26.44
CA GLN A 95 12.42 -28.64 25.79
C GLN A 95 12.50 -27.62 24.67
N THR A 96 13.58 -26.82 24.69
CA THR A 96 13.82 -25.75 23.73
C THR A 96 13.48 -26.10 22.28
N SER A 97 13.72 -27.34 21.85
CA SER A 97 13.35 -27.72 20.49
C SER A 97 11.85 -27.77 20.29
N GLU A 98 11.10 -28.37 21.22
CA GLU A 98 9.65 -28.40 21.07
C GLU A 98 9.08 -27.00 21.17
N LEU A 99 9.62 -26.18 22.08
CA LEU A 99 9.12 -24.81 22.20
C LEU A 99 9.38 -24.00 20.93
N GLU A 100 10.57 -24.15 20.34
CA GLU A 100 10.85 -23.46 19.08
C GLU A 100 9.93 -23.95 17.98
N ASP A 101 9.65 -25.25 17.94
CA ASP A 101 8.72 -25.76 16.94
C ASP A 101 7.33 -25.17 17.13
N LEU A 102 6.88 -25.07 18.39
CA LEU A 102 5.58 -24.47 18.67
C LEU A 102 5.54 -23.02 18.24
N VAL A 103 6.62 -22.28 18.48
CA VAL A 103 6.66 -20.88 18.08
C VAL A 103 6.63 -20.77 16.56
N LYS A 104 7.31 -21.68 15.87
CA LYS A 104 7.29 -21.68 14.40
C LYS A 104 5.88 -21.92 13.88
N GLN A 105 5.15 -22.86 14.48
CA GLN A 105 3.77 -23.09 14.06
C GLN A 105 2.89 -21.88 14.34
N VAL A 106 3.07 -21.25 15.52
CA VAL A 106 2.26 -20.07 15.85
C VAL A 106 2.53 -18.94 14.88
N VAL A 107 3.79 -18.75 14.48
CA VAL A 107 4.09 -17.64 13.57
C VAL A 107 3.68 -18.00 12.15
N LEU A 108 3.62 -19.29 11.83
CA LEU A 108 3.04 -19.71 10.55
C LEU A 108 1.56 -19.40 10.53
N ALA A 109 0.88 -19.62 11.66
CA ALA A 109 -0.55 -19.35 11.76
C ALA A 109 -0.84 -17.85 11.75
N ILE A 110 0.10 -17.01 12.21
CA ILE A 110 -0.10 -15.57 12.11
C ILE A 110 -0.18 -15.14 10.65
N ARG A 111 0.62 -15.78 9.79
CA ARG A 111 0.60 -15.47 8.36
C ARG A 111 -0.77 -15.77 7.77
N ALA A 112 -1.43 -16.83 8.25
CA ALA A 112 -2.75 -17.20 7.78
C ALA A 112 -3.77 -16.10 8.05
N GLY A 113 -3.62 -15.39 9.17
CA GLY A 113 -4.53 -14.33 9.52
C GLY A 113 -5.54 -14.66 10.61
N VAL A 114 -5.41 -15.79 11.27
CA VAL A 114 -6.30 -16.17 12.37
C VAL A 114 -5.55 -16.00 13.69
N ASN A 115 -6.11 -15.17 14.56
CA ASN A 115 -5.48 -14.90 15.85
C ASN A 115 -5.45 -16.15 16.74
N PRO A 116 -4.37 -16.38 17.48
CA PRO A 116 -4.29 -17.57 18.33
C PRO A 116 -4.70 -17.28 19.76
N SER A 117 -4.64 -16.02 20.17
CA SER A 117 -4.86 -15.65 21.57
C SER A 117 -6.27 -15.97 22.02
N GLY A 118 -7.27 -15.67 21.20
CA GLY A 118 -8.66 -15.94 21.54
C GLY A 118 -9.15 -17.20 20.84
N HIS A 119 -9.98 -17.95 21.55
CA HIS A 119 -10.61 -19.13 20.97
C HIS A 119 -11.68 -18.69 19.97
N PRO A 120 -11.66 -19.20 18.74
CA PRO A 120 -12.63 -18.73 17.74
C PRO A 120 -13.99 -19.40 17.94
N SER A 121 -15.02 -18.58 18.09
CA SER A 121 -16.39 -19.09 18.20
C SER A 121 -16.81 -19.77 16.91
N GLN A 122 -16.36 -19.25 15.77
CA GLN A 122 -16.56 -19.64 14.38
C GLN A 122 -17.88 -19.15 13.80
N GLU A 123 -18.77 -18.54 14.60
CA GLU A 123 -19.89 -17.84 13.99
C GLU A 123 -19.39 -16.56 13.33
N SER A 124 -18.37 -15.95 13.91
CA SER A 124 -17.74 -14.75 13.40
C SER A 124 -16.60 -15.18 12.48
N SER A 125 -16.53 -14.61 11.29
CA SER A 125 -15.48 -14.96 10.35
C SER A 125 -14.87 -13.70 9.77
N MET A 126 -13.56 -13.75 9.55
CA MET A 126 -12.83 -12.62 9.01
C MET A 126 -13.30 -12.27 7.60
N TRP A 127 -13.55 -13.28 6.76
CA TRP A 127 -14.00 -13.02 5.39
C TRP A 127 -15.52 -12.88 5.29
N ASP A 128 -16.08 -11.94 6.04
CA ASP A 128 -17.51 -11.70 5.94
C ASP A 128 -17.74 -10.72 4.79
N LEU A 129 -19.01 -10.49 4.46
CA LEU A 129 -19.34 -9.58 3.35
C LEU A 129 -18.81 -8.16 3.57
N SER A 130 -18.88 -7.65 4.80
CA SER A 130 -18.39 -6.30 5.06
C SER A 130 -16.88 -6.19 4.93
N SER A 131 -16.14 -7.13 5.54
CA SER A 131 -14.68 -7.11 5.45
C SER A 131 -14.19 -7.26 4.03
N SER A 132 -14.78 -8.19 3.27
CA SER A 132 -14.34 -8.32 1.89
C SER A 132 -14.83 -7.18 0.99
N PHE A 133 -15.92 -6.50 1.36
CA PHE A 133 -16.26 -5.27 0.67
C PHE A 133 -15.17 -4.22 0.88
N PHE A 134 -14.76 -4.06 2.14
CA PHE A 134 -13.70 -3.11 2.47
C PHE A 134 -12.40 -3.50 1.80
N PHE A 135 -12.11 -4.81 1.75
CA PHE A 135 -10.88 -5.29 1.12
C PHE A 135 -10.87 -5.01 -0.38
N ALA A 136 -12.00 -5.28 -1.06
CA ALA A 136 -12.07 -4.99 -2.48
C ALA A 136 -11.97 -3.50 -2.76
N GLY A 137 -12.57 -2.69 -1.87
CA GLY A 137 -12.42 -1.26 -1.99
C GLY A 137 -10.99 -0.81 -1.83
N THR A 138 -10.26 -1.39 -0.87
CA THR A 138 -8.85 -1.06 -0.70
C THR A 138 -8.03 -1.48 -1.91
N VAL A 139 -8.34 -2.64 -2.49
CA VAL A 139 -7.59 -3.12 -3.65
C VAL A 139 -7.77 -2.18 -4.84
N ILE A 140 -9.01 -1.76 -5.11
CA ILE A 140 -9.18 -0.82 -6.23
C ILE A 140 -8.59 0.54 -5.88
N THR A 141 -8.76 0.99 -4.64
CA THR A 141 -8.29 2.28 -4.15
C THR A 141 -6.76 2.34 -4.07
N THR A 142 -6.09 1.19 -4.17
CA THR A 142 -4.63 1.05 -4.06
C THR A 142 -4.12 1.41 -2.67
N ILE A 143 -4.93 1.18 -1.63
CA ILE A 143 -4.42 1.28 -0.27
C ILE A 143 -3.60 0.05 0.08
N GLY A 144 -4.23 -1.13 0.04
CA GLY A 144 -3.53 -2.36 0.32
C GLY A 144 -3.03 -2.47 1.75
N PHE A 145 -3.92 -2.59 2.71
CA PHE A 145 -3.50 -2.65 4.11
C PHE A 145 -2.66 -3.89 4.39
N GLY A 146 -3.10 -5.05 3.92
CA GLY A 146 -2.32 -6.25 4.05
C GLY A 146 -2.71 -7.15 5.20
N ASN A 147 -3.53 -6.67 6.14
CA ASN A 147 -4.04 -7.57 7.17
C ASN A 147 -5.02 -8.57 6.57
N VAL A 148 -5.69 -8.19 5.49
CA VAL A 148 -6.58 -9.07 4.76
C VAL A 148 -5.97 -9.29 3.38
N SER A 149 -5.40 -10.46 3.17
CA SER A 149 -4.73 -10.83 1.93
C SER A 149 -5.24 -12.18 1.46
N PRO A 150 -5.13 -12.48 0.16
CA PRO A 150 -5.63 -13.77 -0.31
C PRO A 150 -4.52 -14.81 -0.46
N HIS A 151 -4.71 -15.96 0.19
CA HIS A 151 -3.73 -17.05 0.19
C HIS A 151 -3.98 -18.16 -0.83
N THR A 152 -5.22 -18.43 -1.21
CA THR A 152 -5.48 -19.51 -2.15
C THR A 152 -5.09 -19.17 -3.59
N GLU A 153 -4.69 -20.21 -4.31
CA GLU A 153 -4.29 -20.20 -5.71
C GLU A 153 -5.26 -19.41 -6.58
N GLY A 154 -6.56 -19.65 -6.35
CA GLY A 154 -7.57 -18.86 -7.04
C GLY A 154 -7.59 -17.41 -6.57
N GLY A 155 -7.40 -17.20 -5.27
CA GLY A 155 -7.45 -15.86 -4.72
C GLY A 155 -6.40 -14.93 -5.29
N ARG A 156 -5.17 -15.40 -5.42
CA ARG A 156 -4.11 -14.55 -5.98
C ARG A 156 -4.39 -14.19 -7.44
N ILE A 157 -4.85 -15.15 -8.23
CA ILE A 157 -5.13 -14.87 -9.64
C ILE A 157 -6.28 -13.91 -9.78
N PHE A 158 -7.35 -14.12 -9.00
CA PHE A 158 -8.47 -13.20 -9.05
C PHE A 158 -8.08 -11.82 -8.51
N CYS A 159 -7.18 -11.76 -7.54
CA CYS A 159 -6.74 -10.45 -7.04
C CYS A 159 -6.01 -9.69 -8.13
N ILE A 160 -5.15 -10.36 -8.89
CA ILE A 160 -4.43 -9.70 -9.98
C ILE A 160 -5.42 -9.20 -11.04
N ILE A 161 -6.35 -10.07 -11.46
CA ILE A 161 -7.31 -9.69 -12.49
C ILE A 161 -8.24 -8.59 -11.98
N TYR A 162 -8.68 -8.69 -10.74
CA TYR A 162 -9.59 -7.72 -10.14
C TYR A 162 -8.92 -6.36 -10.04
N ALA A 163 -7.66 -6.32 -9.58
CA ALA A 163 -6.92 -5.07 -9.53
C ALA A 163 -6.80 -4.43 -10.90
N LEU A 164 -6.34 -5.20 -11.89
CA LEU A 164 -6.12 -4.64 -13.21
C LEU A 164 -7.42 -4.14 -13.86
N LEU A 165 -8.52 -4.84 -13.63
CA LEU A 165 -9.80 -4.37 -14.17
C LEU A 165 -10.32 -3.15 -13.41
N GLY A 166 -10.33 -3.22 -12.08
CA GLY A 166 -10.94 -2.16 -11.28
C GLY A 166 -10.22 -0.83 -11.27
N ILE A 167 -8.88 -0.85 -11.24
CA ILE A 167 -8.13 0.40 -11.03
C ILE A 167 -8.36 1.45 -12.10
N PRO A 168 -8.39 1.14 -13.41
CA PRO A 168 -8.77 2.19 -14.36
C PRO A 168 -10.17 2.74 -14.13
N LEU A 169 -11.11 1.90 -13.72
CA LEU A 169 -12.48 2.35 -13.46
C LEU A 169 -12.52 3.34 -12.31
N PHE A 170 -11.87 3.01 -11.20
CA PHE A 170 -11.79 3.93 -10.07
C PHE A 170 -11.01 5.19 -10.45
N GLY A 171 -9.99 5.06 -11.30
CA GLY A 171 -9.26 6.22 -11.75
C GLY A 171 -10.14 7.18 -12.52
N PHE A 172 -10.98 6.64 -13.41
CA PHE A 172 -11.88 7.48 -14.18
C PHE A 172 -12.94 8.11 -13.28
N LEU A 173 -13.40 7.38 -12.26
CA LEU A 173 -14.38 7.96 -11.34
C LEU A 173 -13.74 9.09 -10.54
N LEU A 174 -12.50 8.90 -10.09
CA LEU A 174 -11.85 9.94 -9.29
C LEU A 174 -11.56 11.16 -10.14
N ALA A 175 -11.13 10.96 -11.39
CA ALA A 175 -10.90 12.09 -12.28
C ALA A 175 -12.20 12.86 -12.54
N GLY A 176 -13.29 12.13 -12.79
CA GLY A 176 -14.57 12.78 -13.03
C GLY A 176 -15.06 13.57 -11.83
N VAL A 177 -14.99 12.97 -10.64
CA VAL A 177 -15.43 13.65 -9.43
C VAL A 177 -14.53 14.84 -9.13
N GLY A 178 -13.22 14.68 -9.30
CA GLY A 178 -12.30 15.78 -9.07
C GLY A 178 -12.57 16.97 -9.97
N ASP A 179 -12.79 16.72 -11.27
CA ASP A 179 -13.11 17.80 -12.18
C ASP A 179 -14.50 18.40 -11.93
N GLN A 180 -15.46 17.58 -11.49
CA GLN A 180 -16.77 18.12 -11.14
C GLN A 180 -16.69 19.05 -9.94
N LEU A 181 -15.94 18.64 -8.91
CA LEU A 181 -15.74 19.49 -7.73
C LEU A 181 -14.96 20.74 -8.11
N GLY A 182 -13.94 20.60 -8.95
CA GLY A 182 -13.16 21.75 -9.36
C GLY A 182 -14.02 22.78 -10.07
N THR A 183 -14.85 22.34 -11.01
CA THR A 183 -15.73 23.25 -11.72
C THR A 183 -16.71 23.96 -10.79
N ILE A 184 -17.39 23.22 -9.90
CA ILE A 184 -18.34 23.90 -9.01
C ILE A 184 -17.62 24.86 -8.09
N PHE A 185 -16.44 24.47 -7.59
CA PHE A 185 -15.66 25.35 -6.74
C PHE A 185 -15.22 26.60 -7.50
N GLY A 186 -14.81 26.44 -8.76
CA GLY A 186 -14.41 27.59 -9.56
C GLY A 186 -15.56 28.57 -9.76
N LYS A 187 -16.74 28.06 -10.09
CA LYS A 187 -17.89 28.94 -10.24
C LYS A 187 -18.25 29.62 -8.93
N GLY A 188 -18.22 28.87 -7.82
CA GLY A 188 -18.54 29.46 -6.53
C GLY A 188 -17.54 30.51 -6.09
N ILE A 189 -16.25 30.25 -6.33
CA ILE A 189 -15.23 31.21 -5.94
C ILE A 189 -15.30 32.44 -6.82
N ALA A 190 -15.58 32.27 -8.13
CA ALA A 190 -15.73 33.43 -8.99
C ALA A 190 -16.91 34.29 -8.54
N LYS A 191 -18.04 33.64 -8.22
CA LYS A 191 -19.23 34.35 -7.77
C LYS A 191 -18.96 35.13 -6.48
N VAL A 192 -18.38 34.47 -5.47
CA VAL A 192 -18.09 35.14 -4.22
C VAL A 192 -17.05 36.23 -4.43
N GLU A 193 -16.03 35.98 -5.26
CA GLU A 193 -15.00 36.99 -5.48
C GLU A 193 -15.61 38.22 -6.12
N LYS A 194 -16.53 38.02 -7.07
CA LYS A 194 -17.18 39.15 -7.73
C LYS A 194 -18.01 39.96 -6.75
N MET A 195 -18.79 39.29 -5.90
CA MET A 195 -19.62 40.00 -4.92
C MET A 195 -18.77 40.71 -3.87
N PHE A 196 -17.81 40.00 -3.29
CA PHE A 196 -16.85 40.37 -2.26
C PHE A 196 -15.68 41.19 -2.82
N VAL A 197 -14.97 41.88 -1.91
CA VAL A 197 -13.75 42.65 -2.15
C VAL A 197 -13.74 43.72 -3.26
N LYS A 198 -14.80 44.52 -3.34
CA LYS A 198 -14.88 45.54 -4.39
C LYS A 198 -13.80 46.63 -4.27
N TRP A 199 -13.49 47.08 -3.06
CA TRP A 199 -12.63 48.26 -2.87
C TRP A 199 -11.19 48.07 -2.41
N ASN A 200 -10.26 48.51 -3.26
CA ASN A 200 -8.79 48.57 -3.08
C ASN A 200 -8.14 47.37 -2.37
N VAL A 201 -8.28 46.19 -2.98
CA VAL A 201 -7.77 44.94 -2.42
C VAL A 201 -7.11 44.15 -3.54
N SER A 202 -5.91 43.63 -3.27
CA SER A 202 -5.21 42.87 -4.30
C SER A 202 -5.94 41.57 -4.60
N GLN A 203 -6.13 41.30 -5.89
CA GLN A 203 -6.82 40.08 -6.29
C GLN A 203 -6.00 38.85 -5.94
N THR A 204 -4.66 38.90 -6.14
CA THR A 204 -3.83 37.76 -5.81
C THR A 204 -3.89 37.45 -4.31
N LYS A 205 -3.86 38.49 -3.48
CA LYS A 205 -3.93 38.31 -2.04
C LYS A 205 -5.26 37.68 -1.64
N ILE A 206 -6.37 38.18 -2.20
CA ILE A 206 -7.66 37.61 -1.87
C ILE A 206 -7.76 36.16 -2.34
N ARG A 207 -7.27 35.88 -3.54
CA ARG A 207 -7.30 34.52 -4.08
C ARG A 207 -6.52 33.53 -3.21
N VAL A 208 -5.31 33.92 -2.80
CA VAL A 208 -4.56 33.01 -1.95
C VAL A 208 -5.14 32.91 -0.54
N THR A 209 -5.81 33.97 -0.07
CA THR A 209 -6.48 33.86 1.22
C THR A 209 -7.62 32.87 1.14
N SER A 210 -8.42 32.96 0.07
CA SER A 210 -9.57 32.08 -0.12
C SER A 210 -9.12 30.63 -0.28
N THR A 211 -8.10 30.39 -1.10
CA THR A 211 -7.63 29.02 -1.30
C THR A 211 -7.07 28.43 -0.01
N VAL A 212 -6.24 29.19 0.74
CA VAL A 212 -5.68 28.70 1.99
C VAL A 212 -6.78 28.39 2.99
N LEU A 213 -7.74 29.30 3.14
CA LEU A 213 -8.84 29.07 4.08
C LEU A 213 -9.68 27.85 3.68
N PHE A 214 -10.00 27.72 2.39
CA PHE A 214 -10.80 26.59 1.93
C PHE A 214 -10.07 25.26 2.12
N ILE A 215 -8.78 25.20 1.76
CA ILE A 215 -8.04 23.96 1.92
C ILE A 215 -7.91 23.60 3.39
N LEU A 216 -7.64 24.58 4.25
CA LEU A 216 -7.51 24.30 5.67
C LEU A 216 -8.82 23.82 6.26
N PHE A 217 -9.94 24.45 5.89
CA PHE A 217 -11.24 24.02 6.42
C PHE A 217 -11.58 22.60 5.98
N GLY A 218 -11.35 22.30 4.69
CA GLY A 218 -11.64 20.96 4.20
C GLY A 218 -10.74 19.92 4.84
N CYS A 219 -9.45 20.24 4.97
CA CYS A 219 -8.51 19.31 5.57
C CYS A 219 -8.86 19.02 7.01
N LEU A 220 -9.19 20.06 7.78
CA LEU A 220 -9.54 19.83 9.19
C LEU A 220 -10.81 19.02 9.32
N LEU A 221 -11.86 19.38 8.58
CA LEU A 221 -13.13 18.66 8.69
C LEU A 221 -12.98 17.18 8.29
N PHE A 222 -12.29 16.91 7.17
CA PHE A 222 -12.08 15.53 6.72
C PHE A 222 -11.01 14.73 7.48
N VAL A 223 -9.98 15.35 8.04
CA VAL A 223 -8.94 14.60 8.73
C VAL A 223 -9.05 14.66 10.25
N ALA A 224 -9.13 15.87 10.82
CA ALA A 224 -9.17 16.01 12.28
C ALA A 224 -10.41 15.37 12.91
N LEU A 225 -11.58 15.59 12.31
CA LEU A 225 -12.81 15.04 12.90
C LEU A 225 -12.83 13.50 12.93
N PRO A 226 -12.41 12.78 11.89
CA PRO A 226 -12.47 11.32 11.98
C PRO A 226 -11.47 10.79 12.96
N ALA A 227 -10.32 11.47 13.11
CA ALA A 227 -9.40 11.09 14.18
C ALA A 227 -10.11 11.06 15.53
N LEU A 228 -11.00 12.04 15.78
CA LEU A 228 -11.80 12.02 17.01
C LEU A 228 -12.77 10.84 17.04
N ILE A 229 -13.44 10.54 15.92
CA ILE A 229 -14.33 9.37 15.95
C ILE A 229 -13.53 8.10 16.21
N PHE A 230 -12.34 7.98 15.61
CA PHE A 230 -11.49 6.83 15.86
C PHE A 230 -11.06 6.77 17.31
N GLN A 231 -10.79 7.93 17.92
CA GLN A 231 -10.44 7.98 19.34
C GLN A 231 -11.56 7.44 20.19
N HIS A 232 -12.79 7.83 19.90
CA HIS A 232 -13.93 7.31 20.67
C HIS A 232 -14.14 5.81 20.47
N ILE A 233 -14.15 5.34 19.22
CA ILE A 233 -14.36 3.91 18.98
C ILE A 233 -13.21 3.04 19.48
N GLU A 234 -11.96 3.47 19.36
CA GLU A 234 -10.83 2.61 19.70
C GLU A 234 -9.88 3.24 20.71
N GLY A 235 -9.07 2.37 21.31
CA GLY A 235 -8.09 2.70 22.32
C GLY A 235 -6.90 3.50 21.83
N TRP A 236 -6.72 3.61 20.51
CA TRP A 236 -5.57 4.30 19.95
C TRP A 236 -5.46 5.74 20.43
N SER A 237 -4.23 6.20 20.63
CA SER A 237 -3.98 7.56 21.06
C SER A 237 -4.16 8.53 19.89
N ALA A 238 -4.15 9.83 20.22
CA ALA A 238 -4.36 10.85 19.21
C ALA A 238 -3.32 10.79 18.10
N LEU A 239 -2.07 10.51 18.45
CA LEU A 239 -1.03 10.40 17.44
C LEU A 239 -1.24 9.17 16.57
N GLU A 240 -1.70 8.07 17.17
CA GLU A 240 -1.95 6.86 16.39
C GLU A 240 -3.08 7.09 15.39
N SER A 241 -4.14 7.77 15.83
CA SER A 241 -5.27 8.05 14.94
C SER A 241 -4.88 8.99 13.82
N ILE A 242 -4.16 10.07 14.11
CA ILE A 242 -3.78 10.98 13.03
C ILE A 242 -2.82 10.30 12.08
N TYR A 243 -1.94 9.43 12.59
CA TYR A 243 -1.04 8.66 11.74
C TYR A 243 -1.82 7.72 10.83
N PHE A 244 -2.85 7.05 11.37
CA PHE A 244 -3.67 6.17 10.56
C PHE A 244 -4.40 6.95 9.47
N VAL A 245 -4.94 8.13 9.80
CA VAL A 245 -5.69 8.89 8.81
C VAL A 245 -4.77 9.40 7.70
N VAL A 246 -3.57 9.87 8.07
CA VAL A 246 -2.62 10.33 7.06
C VAL A 246 -2.18 9.17 6.17
N ILE A 247 -1.90 8.01 6.77
CA ILE A 247 -1.48 6.86 5.98
C ILE A 247 -2.59 6.40 5.04
N THR A 248 -3.85 6.47 5.50
CA THR A 248 -4.96 6.02 4.66
C THR A 248 -5.21 6.98 3.49
N LEU A 249 -5.42 8.25 3.75
CA LEU A 249 -5.72 9.15 2.64
C LEU A 249 -4.62 9.28 1.61
N THR A 250 -3.36 9.16 2.02
CA THR A 250 -2.18 9.29 1.15
C THR A 250 -1.82 8.04 0.36
N THR A 251 -2.62 7.00 0.54
CA THR A 251 -2.52 5.72 -0.09
C THR A 251 -1.28 4.97 0.24
N ILE A 252 -0.72 5.20 1.41
CA ILE A 252 0.44 4.38 1.74
C ILE A 252 0.00 2.98 2.14
N GLY A 253 -0.87 2.88 3.15
CA GLY A 253 -1.41 1.60 3.57
C GLY A 253 -0.39 0.68 4.21
N PHE A 254 0.13 1.07 5.37
CA PHE A 254 1.11 0.23 6.05
C PHE A 254 0.45 -1.03 6.61
N GLY A 255 -0.76 -0.91 7.14
CA GLY A 255 -1.49 -2.04 7.65
C GLY A 255 -1.26 -2.34 9.11
N ASP A 256 -0.33 -1.65 9.76
CA ASP A 256 -0.12 -1.86 11.19
C ASP A 256 -1.38 -1.46 11.97
N PHE A 257 -2.02 -0.38 11.56
CA PHE A 257 -3.25 0.11 12.14
C PHE A 257 -4.32 0.06 11.05
N VAL A 258 -5.44 -0.59 11.34
CA VAL A 258 -6.57 -0.66 10.40
C VAL A 258 -7.83 -0.38 11.19
N ALA A 259 -8.85 0.14 10.50
CA ALA A 259 -10.11 0.50 11.14
C ALA A 259 -10.78 -0.69 11.80
N GLY A 260 -10.68 -1.88 11.19
CA GLY A 260 -11.32 -3.05 11.74
C GLY A 260 -10.39 -4.08 12.35
N GLY A 261 -10.38 -4.21 13.67
CA GLY A 261 -9.48 -5.17 14.28
C GLY A 261 -9.81 -5.46 15.72
N SER A 262 -9.17 -6.51 16.24
CA SER A 262 -9.15 -6.92 17.64
C SER A 262 -10.52 -7.33 18.18
N GLU A 263 -11.42 -7.82 17.34
CA GLU A 263 -12.68 -8.31 17.88
C GLU A 263 -13.36 -7.30 18.77
N ILE A 264 -13.52 -6.08 18.27
CA ILE A 264 -14.14 -5.00 19.02
C ILE A 264 -15.66 -4.98 18.84
N GLU A 265 -16.20 -5.97 18.13
CA GLU A 265 -17.65 -6.07 17.89
C GLU A 265 -18.17 -4.77 17.27
N TYR A 266 -17.49 -4.34 16.22
CA TYR A 266 -17.83 -3.11 15.55
C TYR A 266 -19.26 -3.13 15.03
N LEU A 267 -19.91 -2.00 15.22
CA LEU A 267 -21.29 -1.77 14.82
C LEU A 267 -21.51 -2.15 13.36
N ASP A 268 -22.76 -2.47 13.04
CA ASP A 268 -23.14 -2.91 11.69
C ASP A 268 -22.84 -1.84 10.64
N TYR A 269 -22.36 -2.30 9.49
CA TYR A 269 -22.01 -1.47 8.33
C TYR A 269 -20.98 -0.38 8.66
N TYR A 270 -19.98 -0.74 9.47
CA TYR A 270 -18.90 0.20 9.78
C TYR A 270 -17.90 0.27 8.63
N LYS A 271 -17.66 -0.86 7.98
CA LYS A 271 -16.71 -0.90 6.87
C LYS A 271 -17.22 -0.13 5.65
N PRO A 272 -18.47 -0.29 5.20
CA PRO A 272 -18.91 0.56 4.07
C PRO A 272 -18.82 2.05 4.36
N ILE A 273 -19.24 2.52 5.55
CA ILE A 273 -19.19 3.96 5.81
C ILE A 273 -17.75 4.47 5.86
N VAL A 274 -16.82 3.70 6.46
CA VAL A 274 -15.44 4.18 6.47
C VAL A 274 -14.90 4.23 5.03
N TRP A 275 -15.27 3.24 4.20
CA TRP A 275 -14.83 3.29 2.81
C TRP A 275 -15.40 4.49 2.06
N PHE A 276 -16.67 4.84 2.29
CA PHE A 276 -17.22 6.04 1.66
C PHE A 276 -16.46 7.28 2.13
N TRP A 277 -16.12 7.35 3.42
CA TRP A 277 -15.33 8.47 3.90
C TRP A 277 -13.98 8.53 3.20
N ILE A 278 -13.37 7.37 2.96
CA ILE A 278 -12.08 7.33 2.25
C ILE A 278 -12.24 7.88 0.84
N LEU A 279 -13.33 7.48 0.17
CA LEU A 279 -13.61 7.96 -1.18
C LEU A 279 -13.83 9.46 -1.20
N VAL A 280 -14.59 9.99 -0.25
CA VAL A 280 -14.86 11.43 -0.20
C VAL A 280 -13.57 12.20 0.06
N GLY A 281 -12.73 11.72 0.98
CA GLY A 281 -11.49 12.41 1.27
C GLY A 281 -10.56 12.44 0.07
N LEU A 282 -10.39 11.28 -0.58
CA LEU A 282 -9.50 11.22 -1.74
C LEU A 282 -10.03 12.09 -2.87
N ALA A 283 -11.34 12.06 -3.12
CA ALA A 283 -11.91 12.86 -4.20
C ALA A 283 -11.74 14.36 -3.93
N TYR A 284 -12.02 14.81 -2.70
CA TYR A 284 -11.87 16.23 -2.40
C TYR A 284 -10.43 16.69 -2.48
N PHE A 285 -9.50 15.91 -1.91
CA PHE A 285 -8.10 16.31 -1.97
C PHE A 285 -7.57 16.30 -3.41
N ALA A 286 -7.96 15.29 -4.19
CA ALA A 286 -7.53 15.25 -5.59
C ALA A 286 -8.07 16.45 -6.35
N ALA A 287 -9.33 16.82 -6.10
CA ALA A 287 -9.92 17.98 -6.76
C ALA A 287 -9.18 19.26 -6.39
N VAL A 288 -8.87 19.43 -5.10
CA VAL A 288 -8.14 20.63 -4.66
C VAL A 288 -6.75 20.68 -5.29
N LEU A 289 -6.06 19.54 -5.36
CA LEU A 289 -4.75 19.52 -6.00
C LEU A 289 -4.87 19.82 -7.49
N SER A 290 -5.91 19.28 -8.14
CA SER A 290 -6.12 19.54 -9.57
C SER A 290 -6.34 21.02 -9.81
N MET A 291 -7.14 21.67 -8.94
CA MET A 291 -7.44 23.08 -9.09
C MET A 291 -6.19 23.93 -8.88
N ILE A 292 -5.44 23.63 -7.81
CA ILE A 292 -4.23 24.41 -7.52
C ILE A 292 -3.21 24.24 -8.64
N GLY A 293 -3.04 23.02 -9.15
CA GLY A 293 -2.11 22.81 -10.25
C GLY A 293 -2.52 23.51 -11.53
N ASP A 294 -3.81 23.44 -11.87
CA ASP A 294 -4.30 24.09 -13.08
C ASP A 294 -4.13 25.60 -12.97
N TRP A 295 -4.47 26.18 -11.81
CA TRP A 295 -4.32 27.62 -11.64
C TRP A 295 -2.86 28.03 -11.70
N LEU A 296 -1.98 27.23 -11.07
CA LEU A 296 -0.54 27.49 -11.09
C LEU A 296 -0.01 27.51 -12.52
N ARG A 297 -0.41 26.53 -13.33
CA ARG A 297 -0.01 26.52 -14.74
C ARG A 297 -0.78 27.55 -15.57
N VAL A 298 -1.93 28.03 -15.09
CA VAL A 298 -2.65 29.08 -15.79
C VAL A 298 -2.31 30.43 -15.16
N THR B 40 -14.75 20.00 -20.31
CA THR B 40 -15.43 18.79 -20.78
C THR B 40 -15.64 17.91 -19.54
N VAL B 41 -16.05 18.55 -18.45
CA VAL B 41 -16.31 17.81 -17.22
C VAL B 41 -17.56 16.94 -17.39
N MET B 42 -17.53 15.78 -16.73
CA MET B 42 -18.61 14.81 -16.85
C MET B 42 -19.93 15.32 -16.26
N LYS B 43 -21.03 14.86 -16.85
CA LYS B 43 -22.38 15.20 -16.42
C LYS B 43 -22.65 14.63 -15.03
N TRP B 44 -23.45 15.37 -14.25
CA TRP B 44 -23.76 14.92 -12.89
C TRP B 44 -24.38 13.53 -12.89
N LYS B 45 -25.31 13.27 -13.81
CA LYS B 45 -25.91 11.94 -13.90
C LYS B 45 -24.89 10.90 -14.33
N THR B 46 -23.95 11.27 -15.20
CA THR B 46 -22.95 10.31 -15.66
C THR B 46 -22.08 9.80 -14.51
N VAL B 47 -21.67 10.72 -13.62
CA VAL B 47 -20.84 10.36 -12.48
C VAL B 47 -21.59 9.37 -11.59
N LEU B 48 -22.90 9.58 -11.44
CA LEU B 48 -23.70 8.64 -10.67
C LEU B 48 -23.68 7.26 -11.30
N ALA B 49 -23.72 7.20 -12.64
CA ALA B 49 -23.66 5.90 -13.31
C ALA B 49 -22.35 5.19 -13.06
N ILE B 50 -21.21 5.91 -13.12
CA ILE B 50 -19.93 5.26 -12.83
C ILE B 50 -19.88 4.81 -11.37
N PHE B 51 -20.39 5.65 -10.46
CA PHE B 51 -20.39 5.29 -9.05
C PHE B 51 -21.22 4.04 -8.80
N LEU B 52 -22.39 3.94 -9.45
CA LEU B 52 -23.23 2.75 -9.30
C LEU B 52 -22.51 1.52 -9.84
N LEU B 53 -21.80 1.68 -10.95
CA LEU B 53 -21.07 0.55 -11.52
C LEU B 53 -19.95 0.10 -10.58
N VAL B 54 -19.25 1.06 -9.96
CA VAL B 54 -18.20 0.72 -9.00
C VAL B 54 -18.79 0.01 -7.78
N VAL B 55 -19.94 0.47 -7.30
CA VAL B 55 -20.57 -0.18 -6.14
C VAL B 55 -20.97 -1.62 -6.47
N LEU B 56 -21.56 -1.85 -7.64
CA LEU B 56 -21.93 -3.21 -8.01
C LEU B 56 -20.69 -4.07 -8.21
N TYR B 57 -19.64 -3.49 -8.80
CA TYR B 57 -18.35 -4.17 -8.98
C TYR B 57 -17.81 -4.65 -7.64
N LEU B 58 -17.78 -3.76 -6.64
CA LEU B 58 -17.36 -4.12 -5.29
C LEU B 58 -18.26 -5.17 -4.64
N ILE B 59 -19.57 -5.14 -4.89
CA ILE B 59 -20.42 -6.18 -4.29
C ILE B 59 -20.09 -7.54 -4.90
N ILE B 60 -19.91 -7.59 -6.22
CA ILE B 60 -19.52 -8.84 -6.89
C ILE B 60 -18.20 -9.34 -6.33
N GLY B 61 -17.21 -8.45 -6.22
CA GLY B 61 -15.92 -8.83 -5.68
C GLY B 61 -16.00 -9.33 -4.25
N ALA B 62 -16.78 -8.66 -3.41
CA ALA B 62 -16.89 -9.09 -2.02
C ALA B 62 -17.50 -10.48 -1.91
N THR B 63 -18.57 -10.74 -2.68
CA THR B 63 -19.18 -12.07 -2.62
C THR B 63 -18.24 -13.15 -3.13
N VAL B 64 -17.46 -12.85 -4.19
CA VAL B 64 -16.61 -13.92 -4.71
C VAL B 64 -15.37 -14.12 -3.85
N PHE B 65 -14.83 -13.08 -3.19
CA PHE B 65 -13.73 -13.36 -2.27
C PHE B 65 -14.24 -14.11 -1.05
N LYS B 66 -15.45 -13.78 -0.58
CA LYS B 66 -16.02 -14.48 0.58
C LYS B 66 -16.13 -15.97 0.30
N ALA B 67 -16.70 -16.32 -0.86
CA ALA B 67 -16.88 -17.73 -1.20
C ALA B 67 -15.57 -18.43 -1.52
N LEU B 68 -14.59 -17.73 -2.10
CA LEU B 68 -13.31 -18.38 -2.35
C LEU B 68 -12.53 -18.62 -1.05
N GLU B 69 -12.63 -17.69 -0.09
CA GLU B 69 -11.67 -17.60 0.98
C GLU B 69 -12.15 -18.08 2.35
N GLN B 70 -13.45 -18.29 2.57
CA GLN B 70 -13.78 -18.80 3.90
C GLN B 70 -13.27 -20.20 4.23
N PRO B 71 -13.28 -21.19 3.32
CA PRO B 71 -12.82 -22.53 3.72
C PRO B 71 -11.36 -22.58 4.16
N GLU B 72 -10.48 -21.80 3.52
CA GLU B 72 -9.06 -21.81 3.87
C GLU B 72 -8.85 -21.42 5.32
N GLU B 73 -9.52 -20.36 5.78
CA GLU B 73 -9.36 -19.99 7.17
C GLU B 73 -10.16 -20.88 8.11
N GLY B 74 -11.20 -21.56 7.60
CA GLY B 74 -11.85 -22.56 8.43
C GLY B 74 -10.92 -23.71 8.77
N LEU B 75 -10.23 -24.23 7.75
CA LEU B 75 -9.23 -25.26 7.98
C LEU B 75 -8.06 -24.75 8.83
N GLN B 76 -7.65 -23.50 8.65
CA GLN B 76 -6.56 -22.98 9.48
C GLN B 76 -6.97 -22.84 10.94
N LYS B 77 -8.22 -22.43 11.20
CA LYS B 77 -8.70 -22.38 12.57
C LYS B 77 -8.79 -23.77 13.18
N TYR B 78 -9.24 -24.75 12.38
CA TYR B 78 -9.29 -26.12 12.88
C TYR B 78 -7.90 -26.63 13.22
N ARG B 79 -6.94 -26.37 12.33
CA ARG B 79 -5.56 -26.81 12.53
C ARG B 79 -4.94 -26.21 13.79
N ILE B 80 -5.13 -24.92 14.01
CA ILE B 80 -4.53 -24.32 15.20
C ILE B 80 -5.25 -24.76 16.48
N ILE B 81 -6.58 -24.94 16.45
CA ILE B 81 -7.25 -25.38 17.67
C ILE B 81 -6.92 -26.83 17.99
N GLN B 82 -6.78 -27.68 16.97
CA GLN B 82 -6.40 -29.06 17.24
C GLN B 82 -4.97 -29.13 17.74
N GLU B 83 -4.07 -28.33 17.16
CA GLU B 83 -2.68 -28.35 17.61
C GLU B 83 -2.57 -27.90 19.06
N LYS B 84 -3.30 -26.84 19.43
CA LYS B 84 -3.26 -26.39 20.81
C LYS B 84 -3.82 -27.45 21.76
N ILE B 85 -4.91 -28.12 21.36
CA ILE B 85 -5.48 -29.16 22.21
C ILE B 85 -4.50 -30.31 22.39
N ASP B 86 -3.82 -30.71 21.30
CA ASP B 86 -2.84 -31.79 21.40
C ASP B 86 -1.67 -31.40 22.30
N PHE B 87 -1.20 -30.15 22.18
CA PHE B 87 -0.09 -29.70 23.01
C PHE B 87 -0.47 -29.71 24.49
N LEU B 88 -1.65 -29.20 24.83
CA LEU B 88 -2.10 -29.21 26.21
C LEU B 88 -2.30 -30.62 26.74
N SER B 89 -2.91 -31.48 25.93
CA SER B 89 -3.17 -32.87 26.34
C SER B 89 -1.88 -33.65 26.55
N MET B 90 -0.91 -33.48 25.64
CA MET B 90 0.33 -34.24 25.75
C MET B 90 1.22 -33.72 26.87
N HIS B 91 1.31 -32.41 27.08
CA HIS B 91 2.16 -31.90 28.16
C HIS B 91 1.33 -31.75 29.44
N THR B 92 1.62 -32.59 30.43
CA THR B 92 0.95 -32.51 31.73
C THR B 92 1.33 -31.24 32.48
N CYS B 93 2.63 -30.91 32.48
CA CYS B 93 3.14 -29.78 33.26
C CYS B 93 2.59 -28.44 32.79
N VAL B 94 2.46 -28.24 31.49
CA VAL B 94 2.01 -26.94 30.97
C VAL B 94 0.57 -26.66 31.40
N GLN B 95 0.30 -25.39 31.71
CA GLN B 95 -1.00 -24.88 32.10
C GLN B 95 -1.52 -23.97 31.00
N THR B 96 -2.79 -24.18 30.62
CA THR B 96 -3.38 -23.43 29.51
C THR B 96 -3.32 -21.92 29.73
N SER B 97 -3.40 -21.45 30.97
CA SER B 97 -3.28 -20.01 31.21
C SER B 97 -1.87 -19.52 30.88
N GLU B 98 -0.84 -20.25 31.30
CA GLU B 98 0.52 -19.85 30.99
C GLU B 98 0.76 -19.92 29.49
N LEU B 99 0.26 -20.96 28.83
CA LEU B 99 0.43 -21.10 27.39
C LEU B 99 -0.25 -19.94 26.66
N GLU B 100 -1.44 -19.54 27.11
CA GLU B 100 -2.13 -18.42 26.50
C GLU B 100 -1.35 -17.13 26.70
N ASP B 101 -0.78 -16.95 27.90
CA ASP B 101 0.01 -15.74 28.17
C ASP B 101 1.22 -15.69 27.26
N LEU B 102 1.87 -16.84 27.05
CA LEU B 102 3.05 -16.89 26.19
C LEU B 102 2.68 -16.65 24.73
N VAL B 103 1.55 -17.19 24.28
CA VAL B 103 1.17 -17.00 22.88
C VAL B 103 0.74 -15.54 22.66
N LYS B 104 0.09 -14.94 23.66
CA LYS B 104 -0.29 -13.53 23.55
C LYS B 104 0.95 -12.66 23.47
N GLN B 105 1.98 -12.98 24.27
CA GLN B 105 3.21 -12.22 24.20
C GLN B 105 3.89 -12.41 22.84
N VAL B 106 3.90 -13.64 22.33
CA VAL B 106 4.55 -13.91 21.04
C VAL B 106 3.84 -13.17 19.91
N VAL B 107 2.50 -13.17 19.89
CA VAL B 107 1.79 -12.45 18.84
C VAL B 107 2.05 -10.95 18.98
N LEU B 108 2.11 -10.45 20.22
CA LEU B 108 2.42 -9.04 20.42
C LEU B 108 3.81 -8.73 19.88
N ALA B 109 4.76 -9.65 20.08
CA ALA B 109 6.11 -9.49 19.57
C ALA B 109 6.11 -9.44 18.05
N ILE B 110 5.25 -10.24 17.41
CA ILE B 110 5.15 -10.25 15.95
C ILE B 110 4.81 -8.85 15.43
N ARG B 111 3.99 -8.10 16.18
CA ARG B 111 3.64 -6.74 15.78
C ARG B 111 4.89 -5.88 15.70
N ALA B 112 5.83 -6.09 16.62
CA ALA B 112 7.09 -5.37 16.61
C ALA B 112 7.87 -5.64 15.34
N GLY B 113 7.77 -6.87 14.82
CA GLY B 113 8.49 -7.27 13.63
C GLY B 113 9.69 -8.13 13.84
N VAL B 114 9.94 -8.60 15.06
CA VAL B 114 11.07 -9.46 15.38
C VAL B 114 10.58 -10.90 15.44
N ASN B 115 11.24 -11.78 14.69
CA ASN B 115 10.87 -13.19 14.62
C ASN B 115 11.34 -13.95 15.86
N PRO B 116 10.45 -14.67 16.54
CA PRO B 116 10.84 -15.35 17.79
C PRO B 116 11.43 -16.72 17.56
N SER B 117 11.14 -17.31 16.38
CA SER B 117 11.52 -18.69 16.12
C SER B 117 13.03 -18.86 16.10
N GLY B 118 13.74 -17.94 15.46
CA GLY B 118 15.19 -18.00 15.38
C GLY B 118 15.83 -17.07 16.40
N HIS B 119 16.94 -17.54 16.97
CA HIS B 119 17.69 -16.70 17.90
C HIS B 119 18.40 -15.58 17.16
N PRO B 120 18.18 -14.32 17.53
CA PRO B 120 18.82 -13.20 16.82
C PRO B 120 20.26 -12.99 17.28
N SER B 121 21.17 -12.99 16.32
CA SER B 121 22.58 -12.69 16.57
C SER B 121 22.79 -11.30 17.15
N GLN B 122 22.04 -10.32 16.64
CA GLN B 122 22.08 -8.88 16.96
C GLN B 122 23.27 -8.17 16.33
N GLU B 123 23.91 -8.77 15.33
CA GLU B 123 24.57 -7.99 14.31
C GLU B 123 23.76 -7.97 13.02
N SER B 124 22.72 -8.80 12.94
CA SER B 124 21.68 -8.71 11.94
C SER B 124 20.62 -7.74 12.46
N SER B 125 20.48 -6.59 11.81
CA SER B 125 19.55 -5.58 12.24
C SER B 125 18.47 -5.37 11.18
N MET B 126 17.22 -5.31 11.63
CA MET B 126 16.10 -5.11 10.70
C MET B 126 16.19 -3.77 10.01
N TRP B 127 16.55 -2.72 10.76
CA TRP B 127 16.70 -1.38 10.18
C TRP B 127 18.11 -1.19 9.64
N ASP B 128 18.41 -1.94 8.60
CA ASP B 128 19.69 -1.85 7.92
C ASP B 128 19.69 -0.54 7.14
N LEU B 129 20.87 0.06 6.95
CA LEU B 129 20.96 1.17 6.01
C LEU B 129 20.32 0.80 4.67
N SER B 130 20.59 -0.41 4.17
CA SER B 130 19.96 -0.83 2.93
C SER B 130 18.46 -0.99 3.12
N SER B 131 18.06 -1.60 4.25
CA SER B 131 16.64 -1.79 4.54
C SER B 131 15.93 -0.46 4.75
N SER B 132 16.58 0.47 5.45
CA SER B 132 15.99 1.79 5.66
C SER B 132 15.81 2.50 4.33
N PHE B 133 16.79 2.36 3.43
CA PHE B 133 16.70 2.97 2.11
C PHE B 133 15.52 2.39 1.33
N PHE B 134 15.33 1.07 1.45
CA PHE B 134 14.21 0.43 0.76
C PHE B 134 12.88 0.86 1.36
N PHE B 135 12.81 0.96 2.68
CA PHE B 135 11.58 1.37 3.34
C PHE B 135 11.21 2.81 2.99
N ALA B 136 12.19 3.71 3.02
CA ALA B 136 11.91 5.11 2.65
C ALA B 136 11.53 5.22 1.19
N GLY B 137 12.16 4.42 0.33
CA GLY B 137 11.77 4.39 -1.07
C GLY B 137 10.34 3.93 -1.27
N THR B 138 9.92 2.92 -0.51
CA THR B 138 8.52 2.48 -0.59
C THR B 138 7.59 3.56 -0.05
N VAL B 139 8.01 4.27 1.00
CA VAL B 139 7.17 5.34 1.56
C VAL B 139 6.92 6.44 0.53
N ILE B 140 7.97 6.89 -0.16
CA ILE B 140 7.74 7.91 -1.18
C ILE B 140 7.02 7.32 -2.39
N THR B 141 7.30 6.06 -2.74
CA THR B 141 6.72 5.42 -3.90
C THR B 141 5.25 5.06 -3.69
N THR B 142 4.78 5.15 -2.44
CA THR B 142 3.42 4.80 -2.01
C THR B 142 3.12 3.32 -2.17
N ILE B 143 4.13 2.47 -2.06
CA ILE B 143 3.88 1.03 -1.99
C ILE B 143 3.39 0.65 -0.60
N GLY B 144 4.21 0.89 0.42
CA GLY B 144 3.83 0.61 1.79
C GLY B 144 3.62 -0.86 2.08
N PHE B 145 4.69 -1.65 2.08
CA PHE B 145 4.55 -3.09 2.30
C PHE B 145 4.05 -3.40 3.70
N GLY B 146 4.62 -2.75 4.71
CA GLY B 146 4.13 -2.90 6.07
C GLY B 146 4.89 -3.89 6.93
N ASN B 147 5.78 -4.70 6.35
CA ASN B 147 6.58 -5.62 7.16
C ASN B 147 7.47 -4.84 8.12
N VAL B 148 8.01 -3.71 7.66
CA VAL B 148 8.79 -2.79 8.48
C VAL B 148 8.06 -1.46 8.46
N SER B 149 7.93 -0.84 9.62
CA SER B 149 7.18 0.40 9.76
C SER B 149 7.65 1.11 11.01
N PRO B 150 7.51 2.43 11.07
CA PRO B 150 7.88 3.13 12.31
C PRO B 150 6.96 2.77 13.46
N HIS B 151 7.56 2.64 14.64
CA HIS B 151 6.82 2.29 15.86
C HIS B 151 6.75 3.40 16.88
N THR B 152 7.84 4.12 17.14
CA THR B 152 7.83 5.13 18.16
C THR B 152 7.08 6.40 17.72
N GLU B 153 6.90 7.29 18.70
CA GLU B 153 6.15 8.53 18.51
C GLU B 153 6.79 9.45 17.48
N GLY B 154 8.10 9.70 17.63
CA GLY B 154 8.82 10.41 16.59
C GLY B 154 8.88 9.67 15.28
N GLY B 155 8.94 8.34 15.32
CA GLY B 155 8.99 7.61 14.06
C GLY B 155 7.73 7.86 13.25
N ARG B 156 6.57 7.80 13.90
CA ARG B 156 5.30 8.06 13.23
C ARG B 156 5.20 9.50 12.75
N ILE B 157 5.63 10.47 13.58
CA ILE B 157 5.52 11.87 13.17
C ILE B 157 6.42 12.16 11.98
N PHE B 158 7.66 11.66 12.02
CA PHE B 158 8.57 11.87 10.91
C PHE B 158 8.08 11.14 9.67
N CYS B 159 7.42 9.98 9.84
CA CYS B 159 6.88 9.29 8.68
C CYS B 159 5.79 10.11 8.01
N ILE B 160 4.93 10.75 8.81
CA ILE B 160 3.88 11.59 8.24
C ILE B 160 4.47 12.77 7.48
N ILE B 161 5.42 13.48 8.12
CA ILE B 161 6.02 14.64 7.47
C ILE B 161 6.80 14.23 6.23
N TYR B 162 7.58 13.14 6.33
CA TYR B 162 8.38 12.67 5.23
C TYR B 162 7.51 12.29 4.04
N ALA B 163 6.40 11.59 4.29
CA ALA B 163 5.53 11.20 3.19
C ALA B 163 4.92 12.41 2.52
N LEU B 164 4.46 13.38 3.31
CA LEU B 164 3.83 14.57 2.75
C LEU B 164 4.80 15.37 1.88
N LEU B 165 6.01 15.60 2.38
CA LEU B 165 6.99 16.33 1.58
C LEU B 165 7.51 15.52 0.38
N GLY B 166 7.79 14.23 0.57
CA GLY B 166 8.37 13.44 -0.50
C GLY B 166 7.47 13.12 -1.68
N ILE B 167 6.18 12.84 -1.44
CA ILE B 167 5.32 12.35 -2.54
C ILE B 167 5.19 13.29 -3.72
N PRO B 168 5.02 14.61 -3.56
CA PRO B 168 5.04 15.48 -4.74
C PRO B 168 6.35 15.46 -5.53
N LEU B 169 7.48 15.33 -4.83
CA LEU B 169 8.77 15.27 -5.51
C LEU B 169 8.87 14.04 -6.40
N PHE B 170 8.53 12.86 -5.86
CA PHE B 170 8.52 11.65 -6.68
C PHE B 170 7.50 11.74 -7.79
N GLY B 171 6.36 12.39 -7.55
CA GLY B 171 5.39 12.57 -8.61
C GLY B 171 5.92 13.40 -9.75
N PHE B 172 6.64 14.47 -9.43
CA PHE B 172 7.25 15.30 -10.47
C PHE B 172 8.31 14.52 -11.24
N LEU B 173 9.11 13.73 -10.53
CA LEU B 173 10.12 12.91 -11.19
C LEU B 173 9.46 11.92 -12.15
N LEU B 174 8.44 11.22 -11.68
CA LEU B 174 7.76 10.23 -12.51
C LEU B 174 7.13 10.88 -13.73
N ALA B 175 6.50 12.05 -13.56
CA ALA B 175 5.88 12.73 -14.69
C ALA B 175 6.93 13.17 -15.71
N GLY B 176 8.07 13.68 -15.25
CA GLY B 176 9.13 14.09 -16.16
C GLY B 176 9.72 12.92 -16.92
N VAL B 177 10.01 11.83 -16.21
CA VAL B 177 10.59 10.64 -16.85
C VAL B 177 9.58 10.05 -17.82
N GLY B 178 8.31 10.03 -17.45
CA GLY B 178 7.28 9.49 -18.34
C GLY B 178 7.15 10.28 -19.62
N ASP B 179 7.16 11.62 -19.52
CA ASP B 179 7.06 12.45 -20.72
C ASP B 179 8.31 12.29 -21.58
N GLN B 180 9.50 12.25 -20.97
CA GLN B 180 10.72 12.11 -21.75
C GLN B 180 10.75 10.76 -22.45
N LEU B 181 10.42 9.69 -21.73
CA LEU B 181 10.39 8.36 -22.32
C LEU B 181 9.37 8.31 -23.43
N GLY B 182 8.23 8.99 -23.27
CA GLY B 182 7.23 8.98 -24.32
C GLY B 182 7.74 9.61 -25.60
N THR B 183 8.45 10.74 -25.48
CA THR B 183 9.02 11.38 -26.67
C THR B 183 10.06 10.47 -27.31
N ILE B 184 10.90 9.83 -26.50
CA ILE B 184 11.92 8.93 -27.03
C ILE B 184 11.26 7.76 -27.75
N PHE B 185 10.19 7.22 -27.16
CA PHE B 185 9.47 6.12 -27.79
C PHE B 185 8.86 6.57 -29.12
N GLY B 186 8.26 7.76 -29.16
CA GLY B 186 7.67 8.21 -30.42
C GLY B 186 8.68 8.43 -31.52
N LYS B 187 9.86 8.99 -31.18
CA LYS B 187 10.87 9.10 -32.23
C LYS B 187 11.34 7.70 -32.66
N GLY B 188 11.45 6.77 -31.70
CA GLY B 188 11.81 5.41 -32.07
C GLY B 188 10.77 4.80 -32.98
N ILE B 189 9.50 5.17 -32.76
CA ILE B 189 8.39 4.71 -33.59
C ILE B 189 8.56 5.21 -35.01
N ALA B 190 9.01 6.46 -35.14
CA ALA B 190 9.28 7.03 -36.46
C ALA B 190 10.40 6.27 -37.15
N LYS B 191 11.46 5.93 -36.41
CA LYS B 191 12.55 5.13 -36.99
C LYS B 191 12.07 3.74 -37.37
N VAL B 192 11.23 3.11 -36.54
CA VAL B 192 10.68 1.79 -36.81
C VAL B 192 9.81 1.81 -38.06
N GLU B 193 9.04 2.87 -38.25
CA GLU B 193 8.17 2.98 -39.42
C GLU B 193 9.01 3.55 -40.58
N LYS B 194 9.85 2.62 -41.08
CA LYS B 194 10.77 2.88 -42.17
C LYS B 194 10.02 3.19 -43.47
N MET B 195 8.85 2.61 -43.66
CA MET B 195 8.07 2.81 -44.88
C MET B 195 8.57 1.95 -46.06
N PHE B 196 9.42 0.97 -45.75
CA PHE B 196 10.04 0.08 -46.72
C PHE B 196 9.48 -1.32 -46.46
N VAL B 197 8.89 -1.96 -47.48
CA VAL B 197 8.26 -3.28 -47.36
C VAL B 197 7.18 -3.24 -46.27
N LYS B 198 6.42 -2.14 -46.26
CA LYS B 198 5.32 -1.98 -45.32
C LYS B 198 4.15 -2.90 -45.65
N TRP B 199 3.92 -3.14 -46.94
CA TRP B 199 2.89 -3.98 -47.58
C TRP B 199 1.55 -3.27 -47.58
N ASN B 200 1.51 -1.99 -47.17
CA ASN B 200 0.37 -1.08 -47.18
C ASN B 200 -0.98 -1.73 -46.87
N VAL B 201 -1.03 -2.66 -45.90
CA VAL B 201 -2.31 -3.31 -45.61
C VAL B 201 -3.31 -2.30 -45.03
N SER B 202 -2.89 -1.50 -44.05
CA SER B 202 -3.76 -0.48 -43.49
C SER B 202 -2.91 0.63 -42.89
N GLN B 203 -3.52 1.81 -42.79
CA GLN B 203 -2.81 2.97 -42.23
C GLN B 203 -2.43 2.79 -40.77
N THR B 204 -3.34 2.25 -39.96
CA THR B 204 -3.07 2.07 -38.53
C THR B 204 -2.72 0.62 -38.18
N LYS B 205 -2.66 -0.29 -39.17
CA LYS B 205 -2.32 -1.67 -38.88
C LYS B 205 -0.95 -1.80 -38.25
N ILE B 206 0.06 -1.12 -38.83
CA ILE B 206 1.39 -1.17 -38.25
C ILE B 206 1.50 -0.35 -36.98
N ARG B 207 0.65 0.66 -36.79
CA ARG B 207 0.62 1.36 -35.51
C ARG B 207 0.14 0.45 -34.39
N VAL B 208 -0.91 -0.33 -34.67
CA VAL B 208 -1.43 -1.26 -33.67
C VAL B 208 -0.42 -2.38 -33.44
N THR B 209 0.19 -2.88 -34.51
CA THR B 209 1.16 -3.97 -34.37
C THR B 209 2.36 -3.51 -33.56
N SER B 210 2.87 -2.31 -33.85
CA SER B 210 4.02 -1.79 -33.11
C SER B 210 3.68 -1.57 -31.64
N THR B 211 2.50 -1.00 -31.36
CA THR B 211 2.11 -0.78 -29.98
C THR B 211 1.99 -2.09 -29.21
N VAL B 212 1.35 -3.10 -29.81
CA VAL B 212 1.19 -4.39 -29.15
C VAL B 212 2.54 -5.09 -28.97
N LEU B 213 3.47 -4.92 -29.90
CA LEU B 213 4.75 -5.59 -29.74
C LEU B 213 5.64 -4.88 -28.73
N PHE B 214 5.62 -3.54 -28.71
CA PHE B 214 6.37 -2.84 -27.68
C PHE B 214 5.81 -3.11 -26.29
N ILE B 215 4.48 -3.06 -26.13
CA ILE B 215 3.90 -3.35 -24.81
C ILE B 215 4.25 -4.77 -24.37
N LEU B 216 4.14 -5.76 -25.28
CA LEU B 216 4.50 -7.13 -24.93
C LEU B 216 5.97 -7.26 -24.58
N PHE B 217 6.85 -6.60 -25.33
CA PHE B 217 8.29 -6.66 -25.02
C PHE B 217 8.59 -6.04 -23.66
N GLY B 218 7.96 -4.89 -23.38
CA GLY B 218 8.16 -4.25 -22.09
C GLY B 218 7.65 -5.10 -20.95
N CYS B 219 6.47 -5.72 -21.11
CA CYS B 219 5.96 -6.59 -20.07
C CYS B 219 6.87 -7.80 -19.89
N LEU B 220 7.38 -8.34 -21.00
CA LEU B 220 8.26 -9.51 -20.95
C LEU B 220 9.54 -9.22 -20.19
N LEU B 221 10.11 -8.04 -20.38
CA LEU B 221 11.34 -7.70 -19.66
C LEU B 221 11.09 -7.20 -18.23
N PHE B 222 10.09 -6.34 -18.02
CA PHE B 222 9.81 -5.78 -16.69
C PHE B 222 9.10 -6.71 -15.73
N VAL B 223 8.09 -7.47 -16.16
CA VAL B 223 7.29 -8.31 -15.27
C VAL B 223 7.60 -9.80 -15.45
N ALA B 224 7.60 -10.28 -16.70
CA ALA B 224 7.79 -11.71 -16.97
C ALA B 224 9.19 -12.20 -16.60
N LEU B 225 10.23 -11.41 -16.87
CA LEU B 225 11.59 -11.90 -16.65
C LEU B 225 12.08 -11.79 -15.20
N PRO B 226 11.82 -10.70 -14.46
CA PRO B 226 12.26 -10.67 -13.06
C PRO B 226 11.70 -11.79 -12.21
N ALA B 227 10.45 -12.21 -12.49
CA ALA B 227 9.84 -13.33 -11.76
C ALA B 227 10.75 -14.55 -11.72
N LEU B 228 11.45 -14.85 -12.82
CA LEU B 228 12.39 -15.98 -12.81
C LEU B 228 13.57 -15.72 -11.87
N ILE B 229 14.06 -14.48 -11.85
CA ILE B 229 15.14 -14.11 -10.93
C ILE B 229 14.68 -14.33 -9.49
N PHE B 230 13.47 -13.87 -9.18
CA PHE B 230 12.87 -14.08 -7.87
C PHE B 230 12.73 -15.56 -7.53
N GLN B 231 12.37 -16.39 -8.52
CA GLN B 231 12.28 -17.83 -8.26
C GLN B 231 13.64 -18.44 -7.96
N HIS B 232 14.68 -17.96 -8.62
CA HIS B 232 16.02 -18.45 -8.31
C HIS B 232 16.47 -18.00 -6.93
N ILE B 233 16.28 -16.72 -6.62
CA ILE B 233 16.78 -16.15 -5.38
C ILE B 233 16.03 -16.72 -4.16
N GLU B 234 14.71 -16.80 -4.21
CA GLU B 234 13.95 -17.19 -3.02
C GLU B 234 13.10 -18.45 -3.15
N GLY B 235 13.12 -19.17 -4.27
CA GLY B 235 12.34 -20.38 -4.35
C GLY B 235 10.84 -20.19 -4.34
N TRP B 236 10.36 -19.00 -4.65
CA TRP B 236 8.92 -18.75 -4.65
C TRP B 236 8.24 -19.45 -5.83
N SER B 237 6.95 -19.70 -5.67
CA SER B 237 6.14 -20.29 -6.72
C SER B 237 5.89 -19.27 -7.83
N ALA B 238 5.55 -19.77 -9.01
CA ALA B 238 5.33 -18.89 -10.15
C ALA B 238 4.20 -17.90 -9.90
N LEU B 239 3.09 -18.39 -9.34
CA LEU B 239 1.98 -17.49 -9.03
C LEU B 239 2.37 -16.50 -7.95
N GLU B 240 3.13 -16.94 -6.93
CA GLU B 240 3.51 -16.05 -5.85
C GLU B 240 4.42 -14.94 -6.36
N SER B 241 5.39 -15.29 -7.21
CA SER B 241 6.31 -14.29 -7.74
C SER B 241 5.59 -13.31 -8.69
N ILE B 242 4.75 -13.82 -9.58
CA ILE B 242 4.06 -12.93 -10.51
C ILE B 242 3.08 -12.05 -9.76
N TYR B 243 2.45 -12.58 -8.70
CA TYR B 243 1.56 -11.81 -7.85
C TYR B 243 2.32 -10.71 -7.12
N PHE B 244 3.52 -11.03 -6.62
CA PHE B 244 4.34 -10.01 -5.97
C PHE B 244 4.73 -8.90 -6.94
N VAL B 245 5.09 -9.25 -8.17
CA VAL B 245 5.50 -8.23 -9.13
C VAL B 245 4.31 -7.36 -9.54
N VAL B 246 3.14 -7.97 -9.75
CA VAL B 246 1.96 -7.18 -10.11
C VAL B 246 1.55 -6.27 -8.96
N ILE B 247 1.54 -6.79 -7.74
CA ILE B 247 1.18 -5.98 -6.57
C ILE B 247 2.16 -4.84 -6.37
N THR B 248 3.45 -5.07 -6.64
CA THR B 248 4.42 -4.00 -6.43
C THR B 248 4.34 -2.93 -7.51
N LEU B 249 4.30 -3.34 -8.78
CA LEU B 249 4.20 -2.36 -9.87
C LEU B 249 2.85 -1.67 -9.94
N THR B 250 1.80 -2.26 -9.38
CA THR B 250 0.50 -1.64 -9.32
C THR B 250 0.33 -0.82 -8.03
N THR B 251 1.41 -0.72 -7.24
CA THR B 251 1.45 0.01 -5.97
C THR B 251 0.28 -0.34 -5.04
N ILE B 252 0.01 -1.64 -4.92
CA ILE B 252 -0.89 -2.10 -3.88
C ILE B 252 -0.15 -2.26 -2.56
N GLY B 253 0.91 -3.06 -2.57
CA GLY B 253 1.75 -3.25 -1.39
C GLY B 253 1.08 -3.96 -0.24
N PHE B 254 0.74 -5.23 -0.46
CA PHE B 254 0.11 -6.01 0.62
C PHE B 254 1.10 -6.34 1.72
N GLY B 255 2.34 -6.64 1.37
CA GLY B 255 3.38 -6.91 2.34
C GLY B 255 3.52 -8.34 2.80
N ASP B 256 2.65 -9.24 2.35
CA ASP B 256 2.85 -10.65 2.65
C ASP B 256 4.06 -11.20 1.91
N PHE B 257 4.31 -10.70 0.71
CA PHE B 257 5.48 -11.03 -0.09
C PHE B 257 6.32 -9.79 -0.27
N VAL B 258 7.54 -9.79 0.27
CA VAL B 258 8.43 -8.66 0.19
C VAL B 258 9.77 -9.17 -0.36
N ALA B 259 10.50 -8.27 -1.03
CA ALA B 259 11.76 -8.64 -1.68
C ALA B 259 12.79 -9.15 -0.68
N GLY B 260 12.94 -8.48 0.46
CA GLY B 260 13.89 -8.97 1.43
C GLY B 260 13.29 -9.45 2.74
N GLY B 261 13.42 -10.74 3.02
CA GLY B 261 12.89 -11.29 4.25
C GLY B 261 13.49 -12.63 4.62
N SER B 262 13.36 -12.95 5.91
CA SER B 262 13.75 -14.24 6.51
C SER B 262 15.23 -14.60 6.39
N GLU B 263 16.14 -13.64 6.51
CA GLU B 263 17.55 -13.98 6.56
C GLU B 263 18.17 -15.02 5.61
N ILE B 264 18.06 -14.75 4.31
CA ILE B 264 18.68 -15.57 3.28
C ILE B 264 20.00 -14.92 2.69
N GLU B 265 20.48 -13.92 3.44
CA GLU B 265 21.75 -13.25 3.13
C GLU B 265 21.90 -12.74 1.69
N TYR B 266 20.90 -12.01 1.18
CA TYR B 266 20.97 -11.56 -0.20
C TYR B 266 22.32 -10.90 -0.46
N LEU B 267 22.79 -11.01 -1.69
CA LEU B 267 24.10 -10.51 -2.09
C LEU B 267 24.06 -9.58 -3.29
N ASP B 268 25.06 -8.68 -3.33
CA ASP B 268 25.32 -7.68 -4.37
C ASP B 268 24.36 -6.49 -4.40
N TYR B 269 24.00 -5.95 -3.22
CA TYR B 269 23.15 -4.74 -3.12
C TYR B 269 21.74 -5.00 -3.61
N TYR B 270 21.09 -6.02 -3.03
CA TYR B 270 19.74 -6.40 -3.45
C TYR B 270 18.72 -5.26 -3.30
N LYS B 271 18.73 -4.56 -2.16
CA LYS B 271 17.74 -3.50 -1.97
C LYS B 271 17.87 -2.33 -2.94
N PRO B 272 19.05 -1.77 -3.23
CA PRO B 272 19.08 -0.66 -4.20
C PRO B 272 18.66 -1.08 -5.60
N ILE B 273 19.11 -2.25 -6.06
CA ILE B 273 18.74 -2.70 -7.40
C ILE B 273 17.23 -2.95 -7.50
N VAL B 274 16.61 -3.56 -6.47
CA VAL B 274 15.17 -3.78 -6.59
C VAL B 274 14.41 -2.46 -6.55
N TRP B 275 14.84 -1.50 -5.71
CA TRP B 275 14.16 -0.20 -5.73
C TRP B 275 14.32 0.53 -7.06
N PHE B 276 15.50 0.45 -7.67
CA PHE B 276 15.68 1.07 -8.99
C PHE B 276 14.80 0.38 -10.01
N TRP B 277 14.67 -0.93 -9.89
CA TRP B 277 13.77 -1.73 -10.71
C TRP B 277 12.33 -1.25 -10.61
N ILE B 278 11.85 -1.08 -9.37
CA ILE B 278 10.49 -0.57 -9.15
C ILE B 278 10.32 0.80 -9.79
N LEU B 279 11.32 1.68 -9.64
CA LEU B 279 11.21 3.01 -10.23
C LEU B 279 11.12 2.94 -11.75
N VAL B 280 11.96 2.10 -12.37
CA VAL B 280 11.96 2.00 -13.83
C VAL B 280 10.64 1.41 -14.33
N GLY B 281 10.15 0.35 -13.68
CA GLY B 281 8.89 -0.25 -14.12
C GLY B 281 7.71 0.68 -13.98
N LEU B 282 7.62 1.37 -12.83
CA LEU B 282 6.52 2.30 -12.63
C LEU B 282 6.59 3.45 -13.61
N ALA B 283 7.80 3.98 -13.85
CA ALA B 283 7.94 5.08 -14.79
C ALA B 283 7.55 4.67 -16.20
N TYR B 284 8.10 3.55 -16.68
CA TYR B 284 7.84 3.11 -18.06
C TYR B 284 6.35 2.85 -18.28
N PHE B 285 5.68 2.18 -17.33
CA PHE B 285 4.24 2.02 -17.52
C PHE B 285 3.47 3.32 -17.33
N ALA B 286 3.99 4.27 -16.53
CA ALA B 286 3.32 5.57 -16.46
C ALA B 286 3.40 6.27 -17.81
N ALA B 287 4.53 6.06 -18.51
CA ALA B 287 4.72 6.62 -19.84
C ALA B 287 3.76 5.97 -20.83
N VAL B 288 3.63 4.65 -20.77
CA VAL B 288 2.73 3.95 -21.68
C VAL B 288 1.29 4.40 -21.46
N LEU B 289 0.88 4.54 -20.19
CA LEU B 289 -0.47 5.00 -19.88
C LEU B 289 -0.70 6.43 -20.38
N SER B 290 0.30 7.29 -20.20
CA SER B 290 0.17 8.67 -20.67
C SER B 290 0.05 8.70 -22.19
N MET B 291 0.84 7.88 -22.89
CA MET B 291 0.76 7.84 -24.34
C MET B 291 -0.61 7.34 -24.78
N ILE B 292 -1.17 6.34 -24.08
CA ILE B 292 -2.48 5.84 -24.45
C ILE B 292 -3.51 6.95 -24.29
N GLY B 293 -3.39 7.73 -23.21
CA GLY B 293 -4.31 8.83 -23.00
C GLY B 293 -4.18 9.88 -24.10
N ASP B 294 -2.93 10.17 -24.51
CA ASP B 294 -2.71 11.12 -25.59
C ASP B 294 -3.34 10.63 -26.88
N TRP B 295 -3.23 9.33 -27.15
CA TRP B 295 -3.82 8.77 -28.35
C TRP B 295 -5.33 8.94 -28.31
N LEU B 296 -5.92 8.72 -27.12
CA LEU B 296 -7.36 8.87 -26.96
C LEU B 296 -7.78 10.31 -27.22
N ARG B 297 -7.00 11.27 -26.75
CA ARG B 297 -7.29 12.68 -26.94
C ARG B 297 -6.95 13.11 -28.37
#